data_9JNA
#
_entry.id   9JNA
#
_cell.length_a   36.311
_cell.length_b   51.08
_cell.length_c   130.829
_cell.angle_alpha   90
_cell.angle_beta   92.177
_cell.angle_gamma   90
#
_symmetry.space_group_name_H-M   'P 1 21 1'
#
loop_
_entity.id
_entity.type
_entity.pdbx_description
1 polymer beta-lactamase
2 non-polymer '(2S,3R,4S)-4-{[(3S,5S)-5-(dimethylcarbamoyl)pyrrolidin-3-yl]sulfanyl}-2-[(2S,3R)-3-hydroxy-1-oxobutan-2-yl]-3-methyl-3,4-dihydro-2H-pyrrole-5-carboxylic acid'
3 non-polymer 'TETRAETHYLENE GLYCOL'
4 non-polymer DI(HYDROXYETHYL)ETHER
5 non-polymer 'CHLORIDE ION'
6 water water
#
_entity_poly.entity_id   1
_entity_poly.type   'polypeptide(L)'
_entity_poly.pdbx_seq_one_letter_code
;MGNKSDAAAKQIKKLEEDFDGRIGVFAIDTGSGNTFGYRSDERFPLCSSFKGFLAAAVLERVQQKKLDINQKVKYESRDL
EYHSPITTKYKGSGMTLGDMASAALQYSDNGATNIIMERFLGGPEGMTKFMRSIGDNEFRLDRWALELNTAIPGDKRDTS
TPKAVANSLNKLALGNVLNAKVKAIYQNWLKGNTTGDARIRASVPADWVVGDKTGSCGAYGTANDYAVIWPKNRAPLIVS
IYTTRKSKDDKHSDKTIAEASRIAIQAIDHHHHHH
;
_entity_poly.pdbx_strand_id   A,B
#
# COMPACT_ATOMS: atom_id res chain seq x y z
N ASN A 3 -15.88 -41.58 -0.44
CA ASN A 3 -16.60 -42.18 -1.60
C ASN A 3 -17.32 -41.10 -2.44
N LYS A 4 -17.93 -40.08 -1.78
CA LYS A 4 -18.52 -38.92 -2.45
C LYS A 4 -17.44 -38.25 -3.28
N SER A 5 -16.26 -38.10 -2.67
CA SER A 5 -15.10 -37.54 -3.33
C SER A 5 -14.77 -38.31 -4.62
N ASP A 6 -14.67 -39.65 -4.50
CA ASP A 6 -14.25 -40.56 -5.55
C ASP A 6 -15.23 -40.50 -6.71
N ALA A 7 -16.51 -40.25 -6.41
CA ALA A 7 -17.48 -40.19 -7.49
C ALA A 7 -17.43 -38.83 -8.20
N ALA A 8 -17.29 -37.73 -7.43
CA ALA A 8 -17.15 -36.41 -7.99
C ALA A 8 -15.98 -36.40 -8.97
N ALA A 9 -14.94 -37.18 -8.65
CA ALA A 9 -13.70 -37.16 -9.41
C ALA A 9 -13.93 -37.92 -10.73
N LYS A 10 -14.63 -39.05 -10.67
CA LYS A 10 -14.89 -39.79 -11.89
C LYS A 10 -15.65 -38.91 -12.86
N GLN A 11 -16.50 -38.05 -12.32
CA GLN A 11 -17.38 -37.23 -13.15
C GLN A 11 -16.60 -36.09 -13.80
N ILE A 12 -15.67 -35.48 -13.05
CA ILE A 12 -14.76 -34.52 -13.65
C ILE A 12 -13.95 -35.23 -14.72
N LYS A 13 -13.39 -36.41 -14.37
CA LYS A 13 -12.56 -37.17 -15.29
C LYS A 13 -13.26 -37.27 -16.65
N LYS A 14 -14.53 -37.68 -16.62
CA LYS A 14 -15.31 -37.93 -17.80
C LYS A 14 -15.61 -36.62 -18.53
N LEU A 15 -15.93 -35.59 -17.75
CA LEU A 15 -16.26 -34.30 -18.33
C LEU A 15 -15.05 -33.71 -19.05
N GLU A 16 -13.83 -34.07 -18.63
CA GLU A 16 -12.65 -33.55 -19.29
C GLU A 16 -12.35 -34.34 -20.57
N GLU A 17 -12.66 -35.65 -20.57
CA GLU A 17 -12.39 -36.47 -21.74
C GLU A 17 -13.38 -36.10 -22.84
N ASP A 18 -14.56 -35.65 -22.42
CA ASP A 18 -15.64 -35.37 -23.34
C ASP A 18 -15.29 -34.21 -24.25
N PHE A 19 -14.50 -33.24 -23.72
CA PHE A 19 -14.17 -32.01 -24.43
C PHE A 19 -12.68 -31.99 -24.77
N ASP A 20 -11.99 -33.09 -24.43
CA ASP A 20 -10.60 -33.28 -24.78
C ASP A 20 -9.76 -32.16 -24.15
N GLY A 21 -9.78 -32.11 -22.82
CA GLY A 21 -9.10 -31.04 -22.14
C GLY A 21 -8.80 -31.45 -20.73
N ARG A 22 -8.87 -30.47 -19.83
CA ARG A 22 -8.16 -30.60 -18.57
C ARG A 22 -8.80 -29.62 -17.59
N ILE A 23 -9.49 -30.17 -16.60
CA ILE A 23 -10.24 -29.40 -15.63
C ILE A 23 -9.52 -29.48 -14.28
N GLY A 24 -9.42 -28.32 -13.64
CA GLY A 24 -8.89 -28.22 -12.29
C GLY A 24 -9.95 -27.59 -11.38
N VAL A 25 -10.15 -28.22 -10.23
CA VAL A 25 -11.26 -27.91 -9.35
C VAL A 25 -10.71 -27.85 -7.92
N PHE A 26 -11.12 -26.79 -7.20
CA PHE A 26 -11.03 -26.81 -5.76
C PHE A 26 -12.27 -26.10 -5.19
N ALA A 27 -12.87 -26.72 -4.17
CA ALA A 27 -14.06 -26.18 -3.53
C ALA A 27 -13.97 -26.43 -2.03
N ILE A 28 -14.47 -25.44 -1.27
CA ILE A 28 -14.41 -25.42 0.17
C ILE A 28 -15.80 -25.05 0.71
N ASP A 29 -16.34 -25.90 1.60
CA ASP A 29 -17.45 -25.47 2.42
C ASP A 29 -16.89 -24.89 3.72
N THR A 30 -16.97 -23.57 3.88
CA THR A 30 -16.37 -22.89 5.03
C THR A 30 -17.07 -23.31 6.32
N GLY A 31 -18.29 -23.87 6.19
CA GLY A 31 -19.17 -24.16 7.31
C GLY A 31 -18.77 -25.47 7.99
N SER A 32 -18.21 -26.41 7.23
CA SER A 32 -17.83 -27.71 7.76
C SER A 32 -16.32 -27.92 7.59
N GLY A 33 -15.70 -27.16 6.69
CA GLY A 33 -14.30 -27.41 6.37
C GLY A 33 -14.14 -28.42 5.23
N ASN A 34 -15.24 -29.00 4.73
CA ASN A 34 -15.13 -30.04 3.72
C ASN A 34 -14.62 -29.43 2.42
N THR A 35 -13.73 -30.17 1.74
CA THR A 35 -13.13 -29.69 0.51
C THR A 35 -13.23 -30.78 -0.55
N PHE A 36 -13.19 -30.34 -1.81
CA PHE A 36 -13.01 -31.24 -2.93
C PHE A 36 -12.01 -30.61 -3.89
N GLY A 37 -11.02 -31.41 -4.32
CA GLY A 37 -10.05 -31.00 -5.30
C GLY A 37 -9.95 -32.09 -6.36
N TYR A 38 -9.78 -31.69 -7.60
CA TYR A 38 -9.40 -32.60 -8.66
C TYR A 38 -8.41 -31.82 -9.51
N ARG A 39 -7.22 -32.39 -9.72
CA ARG A 39 -6.09 -31.68 -10.31
C ARG A 39 -5.87 -30.36 -9.57
N SER A 40 -6.00 -30.38 -8.25
CA SER A 40 -6.07 -29.11 -7.54
C SER A 40 -4.66 -28.55 -7.32
N ASP A 41 -3.63 -29.36 -7.56
CA ASP A 41 -2.27 -28.86 -7.42
C ASP A 41 -1.55 -28.68 -8.76
N GLU A 42 -2.23 -29.00 -9.88
CA GLU A 42 -1.70 -28.69 -11.21
C GLU A 42 -1.80 -27.20 -11.49
N ARG A 43 -0.91 -26.70 -12.36
CA ARG A 43 -0.94 -25.30 -12.74
C ARG A 43 -1.84 -25.11 -13.95
N PHE A 44 -2.48 -23.93 -14.00
CA PHE A 44 -3.36 -23.47 -15.07
C PHE A 44 -3.20 -21.96 -15.26
N PRO A 45 -3.34 -21.46 -16.52
CA PRO A 45 -3.21 -20.03 -16.80
C PRO A 45 -4.28 -19.27 -16.02
N LEU A 46 -3.91 -18.16 -15.37
CA LEU A 46 -4.85 -17.25 -14.72
C LEU A 46 -5.82 -16.61 -15.71
N CYS A 47 -5.35 -16.20 -16.90
CA CYS A 47 -6.09 -15.28 -17.75
C CYS A 47 -6.42 -13.97 -16.97
N SER A 48 -7.58 -13.36 -17.24
CA SER A 48 -8.00 -12.18 -16.50
C SER A 48 -8.34 -12.50 -15.04
N SER A 49 -8.24 -13.77 -14.60
CA SER A 49 -8.83 -14.04 -13.29
C SER A 49 -8.04 -13.33 -12.19
N PHE A 50 -6.81 -12.93 -12.48
CA PHE A 50 -5.98 -12.28 -11.47
C PHE A 50 -6.50 -10.88 -11.09
N LYS A 51 -7.42 -10.32 -11.90
CA LYS A 51 -7.92 -8.97 -11.61
C LYS A 51 -8.71 -8.99 -10.30
N GLY A 52 -9.26 -10.16 -9.98
CA GLY A 52 -9.97 -10.29 -8.73
C GLY A 52 -9.05 -9.99 -7.56
N PHE A 53 -7.82 -10.52 -7.63
CA PHE A 53 -6.80 -10.35 -6.61
C PHE A 53 -6.26 -8.93 -6.72
N LEU A 54 -6.24 -8.43 -7.95
CA LEU A 54 -5.64 -7.13 -8.16
C LEU A 54 -6.49 -6.07 -7.44
N ALA A 55 -7.81 -6.24 -7.43
CA ALA A 55 -8.76 -5.35 -6.77
C ALA A 55 -8.52 -5.42 -5.26
N ALA A 56 -8.20 -6.61 -4.79
CA ALA A 56 -7.98 -6.84 -3.36
C ALA A 56 -6.71 -6.12 -2.89
N ALA A 57 -5.64 -6.21 -3.70
CA ALA A 57 -4.37 -5.56 -3.41
C ALA A 57 -4.54 -4.04 -3.34
N VAL A 58 -5.43 -3.52 -4.19
CA VAL A 58 -5.79 -2.12 -4.18
C VAL A 58 -6.44 -1.79 -2.84
N LEU A 59 -7.30 -2.69 -2.36
CA LEU A 59 -8.07 -2.37 -1.18
C LEU A 59 -7.17 -2.48 0.06
N GLU A 60 -6.16 -3.34 -0.03
CA GLU A 60 -5.20 -3.44 1.05
C GLU A 60 -4.36 -2.15 1.16
N ARG A 61 -3.98 -1.56 0.03
CA ARG A 61 -3.20 -0.32 0.01
C ARG A 61 -4.04 0.86 0.52
N VAL A 62 -5.35 0.87 0.24
CA VAL A 62 -6.31 1.82 0.76
C VAL A 62 -6.40 1.71 2.27
N GLN A 63 -6.45 0.46 2.75
CA GLN A 63 -6.55 0.17 4.18
C GLN A 63 -5.28 0.69 4.87
N GLN A 64 -4.12 0.45 4.25
CA GLN A 64 -2.82 0.79 4.81
C GLN A 64 -2.56 2.30 4.72
N LYS A 65 -3.45 3.01 4.02
CA LYS A 65 -3.51 4.47 3.90
C LYS A 65 -2.51 4.98 2.85
N LYS A 66 -1.78 4.06 2.20
CA LYS A 66 -0.92 4.41 1.09
C LYS A 66 -1.69 5.00 -0.10
N LEU A 67 -2.95 4.60 -0.30
CA LEU A 67 -3.79 5.14 -1.35
C LEU A 67 -5.13 5.57 -0.75
N ASP A 68 -5.78 6.53 -1.40
CA ASP A 68 -7.14 6.95 -1.09
C ASP A 68 -8.10 6.42 -2.17
N ILE A 69 -9.29 5.95 -1.72
CA ILE A 69 -10.23 5.24 -2.56
C ILE A 69 -10.87 6.17 -3.59
N ASN A 70 -10.87 7.47 -3.31
CA ASN A 70 -11.52 8.46 -4.15
C ASN A 70 -10.52 9.32 -4.90
N GLN A 71 -9.21 9.07 -4.74
CA GLN A 71 -8.24 9.82 -5.50
C GLN A 71 -8.58 9.65 -6.99
N LYS A 72 -8.44 10.74 -7.75
CA LYS A 72 -8.70 10.81 -9.18
C LYS A 72 -7.51 10.14 -9.88
N VAL A 73 -7.79 9.33 -10.91
CA VAL A 73 -6.73 8.75 -11.74
C VAL A 73 -6.93 9.22 -13.18
N LYS A 74 -6.01 10.07 -13.67
CA LYS A 74 -6.08 10.67 -14.98
C LYS A 74 -5.17 9.89 -15.94
N TYR A 75 -5.60 9.79 -17.21
CA TYR A 75 -4.93 8.99 -18.23
C TYR A 75 -5.36 9.45 -19.63
N GLU A 76 -5.49 10.77 -19.80
CA GLU A 76 -6.16 11.31 -20.97
C GLU A 76 -5.34 11.13 -22.25
N SER A 77 -4.05 10.81 -22.14
CA SER A 77 -3.23 10.60 -23.34
C SER A 77 -2.94 9.11 -23.55
N ARG A 78 -3.46 8.22 -22.71
CA ARG A 78 -3.12 6.81 -22.84
C ARG A 78 -3.68 6.22 -24.13
N ASP A 79 -2.87 5.39 -24.81
CA ASP A 79 -3.48 4.50 -25.79
C ASP A 79 -4.10 3.29 -25.10
N LEU A 80 -5.40 3.37 -24.84
CA LEU A 80 -6.11 2.37 -24.07
C LEU A 80 -6.02 0.98 -24.71
N GLU A 81 -5.59 -0.01 -23.91
CA GLU A 81 -5.54 -1.41 -24.31
C GLU A 81 -6.92 -1.87 -24.81
N TYR A 82 -6.93 -2.83 -25.73
CA TYR A 82 -8.14 -3.49 -26.19
C TYR A 82 -8.92 -4.00 -24.99
N HIS A 83 -10.25 -3.98 -25.11
CA HIS A 83 -11.13 -4.45 -24.04
C HIS A 83 -10.93 -3.59 -22.79
N SER A 84 -11.04 -2.27 -22.99
CA SER A 84 -11.13 -1.34 -21.87
C SER A 84 -12.49 -0.64 -21.93
N PRO A 85 -13.59 -1.37 -21.70
CA PRO A 85 -14.94 -0.81 -21.89
C PRO A 85 -15.33 0.31 -20.92
N ILE A 86 -14.78 0.32 -19.71
CA ILE A 86 -15.11 1.37 -18.75
C ILE A 86 -14.16 2.57 -18.88
N THR A 87 -12.87 2.29 -18.86
CA THR A 87 -11.87 3.34 -18.92
C THR A 87 -12.02 4.19 -20.19
N THR A 88 -12.44 3.59 -21.30
CA THR A 88 -12.69 4.37 -22.51
C THR A 88 -13.70 5.50 -22.27
N LYS A 89 -14.72 5.26 -21.44
CA LYS A 89 -15.81 6.22 -21.35
C LYS A 89 -15.47 7.34 -20.35
N TYR A 90 -14.27 7.29 -19.76
CA TYR A 90 -13.89 8.37 -18.85
C TYR A 90 -12.48 8.86 -19.18
N LYS A 91 -11.99 8.54 -20.38
CA LYS A 91 -10.64 8.91 -20.76
C LYS A 91 -10.41 10.39 -20.41
N GLY A 92 -11.39 11.24 -20.77
CA GLY A 92 -11.28 12.68 -20.65
C GLY A 92 -11.17 13.18 -19.20
N SER A 93 -11.80 12.47 -18.25
CA SER A 93 -12.00 13.06 -16.93
C SER A 93 -11.36 12.24 -15.80
N GLY A 94 -10.85 11.05 -16.13
CA GLY A 94 -10.28 10.16 -15.13
C GLY A 94 -11.37 9.42 -14.33
N MET A 95 -10.94 8.47 -13.51
CA MET A 95 -11.87 7.74 -12.64
C MET A 95 -11.35 7.81 -11.21
N THR A 96 -12.23 7.55 -10.24
CA THR A 96 -11.68 7.38 -8.90
C THR A 96 -10.92 6.05 -8.89
N LEU A 97 -9.87 5.98 -8.06
CA LEU A 97 -9.12 4.74 -7.90
C LEU A 97 -10.09 3.56 -7.73
N GLY A 98 -11.10 3.74 -6.85
CA GLY A 98 -12.05 2.67 -6.54
C GLY A 98 -12.89 2.21 -7.74
N ASP A 99 -13.47 3.18 -8.45
CA ASP A 99 -14.25 2.89 -9.64
C ASP A 99 -13.38 2.17 -10.67
N MET A 100 -12.11 2.53 -10.73
CA MET A 100 -11.21 1.96 -11.71
C MET A 100 -10.93 0.50 -11.38
N ALA A 101 -10.56 0.24 -10.11
CA ALA A 101 -10.31 -1.10 -9.60
C ALA A 101 -11.52 -2.02 -9.81
N SER A 102 -12.72 -1.52 -9.53
CA SER A 102 -13.93 -2.33 -9.68
C SER A 102 -14.20 -2.61 -11.16
N ALA A 103 -13.92 -1.63 -12.03
CA ALA A 103 -14.05 -1.81 -13.46
C ALA A 103 -13.12 -2.93 -13.94
N ALA A 104 -11.93 -2.97 -13.34
CA ALA A 104 -10.97 -4.02 -13.65
C ALA A 104 -11.54 -5.38 -13.24
N LEU A 105 -12.13 -5.45 -12.04
CA LEU A 105 -12.74 -6.70 -11.59
C LEU A 105 -13.96 -7.02 -12.45
N GLN A 106 -14.92 -6.10 -12.47
CA GLN A 106 -16.30 -6.39 -12.87
C GLN A 106 -16.49 -6.40 -14.38
N TYR A 107 -15.52 -5.87 -15.13
CA TYR A 107 -15.67 -5.84 -16.58
C TYR A 107 -14.40 -6.31 -17.27
N SER A 108 -13.43 -6.76 -16.46
CA SER A 108 -12.17 -7.25 -16.97
C SER A 108 -11.51 -6.17 -17.86
N ASP A 109 -11.53 -4.91 -17.41
CA ASP A 109 -11.02 -3.78 -18.16
C ASP A 109 -9.49 -3.78 -18.12
N ASN A 110 -8.85 -3.97 -19.27
CA ASN A 110 -7.40 -4.10 -19.33
C ASN A 110 -6.71 -2.76 -19.06
N GLY A 111 -7.34 -1.66 -19.49
CA GLY A 111 -6.82 -0.34 -19.23
C GLY A 111 -6.65 -0.10 -17.73
N ALA A 112 -7.76 -0.30 -16.99
CA ALA A 112 -7.79 -0.21 -15.53
C ALA A 112 -6.69 -1.09 -14.92
N THR A 113 -6.61 -2.35 -15.39
CA THR A 113 -5.64 -3.31 -14.92
C THR A 113 -4.20 -2.80 -15.07
N ASN A 114 -3.83 -2.48 -16.29
CA ASN A 114 -2.45 -2.13 -16.56
C ASN A 114 -2.11 -0.83 -15.83
N ILE A 115 -3.09 0.09 -15.76
CA ILE A 115 -2.77 1.35 -15.14
C ILE A 115 -2.53 1.10 -13.66
N ILE A 116 -3.47 0.43 -13.00
CA ILE A 116 -3.30 0.14 -11.59
C ILE A 116 -1.95 -0.54 -11.36
N MET A 117 -1.58 -1.53 -12.20
CA MET A 117 -0.32 -2.27 -12.02
C MET A 117 0.91 -1.40 -12.27
N GLU A 118 0.75 -0.34 -13.08
CA GLU A 118 1.84 0.57 -13.39
C GLU A 118 2.17 1.49 -12.22
N ARG A 119 1.14 2.01 -11.54
CA ARG A 119 1.33 3.19 -10.74
C ARG A 119 1.34 2.81 -9.26
N PHE A 120 0.54 1.79 -8.92
CA PHE A 120 0.18 1.49 -7.55
C PHE A 120 0.75 0.15 -7.08
N LEU A 121 1.02 -0.81 -7.98
CA LEU A 121 1.23 -2.20 -7.57
C LEU A 121 2.63 -2.77 -7.81
N GLY A 122 3.50 -2.05 -8.54
CA GLY A 122 4.81 -2.57 -8.89
C GLY A 122 4.75 -3.62 -10.00
N GLY A 123 3.81 -3.51 -10.91
CA GLY A 123 3.76 -4.41 -12.04
C GLY A 123 3.43 -5.85 -11.65
N PRO A 124 3.58 -6.81 -12.59
CA PRO A 124 3.40 -8.23 -12.31
C PRO A 124 4.17 -8.80 -11.11
N GLU A 125 5.39 -8.32 -10.87
CA GLU A 125 6.19 -8.80 -9.75
C GLU A 125 5.58 -8.33 -8.42
N GLY A 126 5.07 -7.09 -8.41
CA GLY A 126 4.39 -6.50 -7.27
C GLY A 126 3.11 -7.26 -6.91
N MET A 127 2.35 -7.67 -7.94
CA MET A 127 1.16 -8.53 -7.83
C MET A 127 1.52 -9.90 -7.25
N THR A 128 2.58 -10.53 -7.79
CA THR A 128 3.12 -11.75 -7.20
C THR A 128 3.52 -11.54 -5.73
N LYS A 129 4.10 -10.37 -5.39
CA LYS A 129 4.54 -10.06 -4.04
C LYS A 129 3.34 -9.99 -3.08
N PHE A 130 2.25 -9.39 -3.57
CA PHE A 130 1.03 -9.28 -2.77
C PHE A 130 0.55 -10.68 -2.35
N MET A 131 0.47 -11.58 -3.34
CA MET A 131 0.00 -12.96 -3.19
C MET A 131 0.86 -13.75 -2.19
N ARG A 132 2.18 -13.67 -2.35
CA ARG A 132 3.14 -14.18 -1.38
C ARG A 132 2.80 -13.70 0.03
N SER A 133 2.38 -12.42 0.13
CA SER A 133 2.27 -11.78 1.42
C SER A 133 1.04 -12.24 2.18
N ILE A 134 0.10 -12.92 1.50
CA ILE A 134 -1.04 -13.48 2.20
C ILE A 134 -0.87 -15.00 2.24
N GLY A 135 0.34 -15.48 1.90
CA GLY A 135 0.71 -16.87 2.07
C GLY A 135 0.32 -17.76 0.88
N ASP A 136 0.11 -17.14 -0.29
CA ASP A 136 -0.06 -17.87 -1.54
C ASP A 136 1.29 -18.01 -2.25
N ASN A 137 1.82 -19.23 -2.31
CA ASN A 137 3.12 -19.50 -2.91
C ASN A 137 3.04 -19.99 -4.35
N GLU A 138 1.83 -20.22 -4.88
CA GLU A 138 1.70 -20.82 -6.19
C GLU A 138 1.54 -19.74 -7.26
N PHE A 139 0.87 -18.64 -6.91
CA PHE A 139 0.55 -17.63 -7.89
C PHE A 139 1.83 -17.05 -8.49
N ARG A 140 1.85 -16.89 -9.81
CA ARG A 140 2.87 -16.03 -10.43
C ARG A 140 2.27 -15.29 -11.62
N LEU A 141 2.46 -13.97 -11.61
CA LEU A 141 2.13 -13.17 -12.77
C LEU A 141 3.43 -12.64 -13.35
N ASP A 142 3.59 -12.82 -14.67
CA ASP A 142 4.86 -12.60 -15.32
C ASP A 142 4.78 -11.41 -16.28
N ARG A 143 3.62 -11.26 -16.95
CA ARG A 143 3.43 -10.38 -18.08
C ARG A 143 2.20 -9.50 -17.83
N TRP A 144 1.98 -8.49 -18.68
CA TRP A 144 0.99 -7.44 -18.47
C TRP A 144 -0.31 -7.87 -19.14
N ALA A 145 -1.37 -7.07 -19.01
CA ALA A 145 -2.75 -7.54 -19.16
C ALA A 145 -2.96 -8.32 -20.46
N LEU A 146 -2.40 -7.85 -21.57
CA LEU A 146 -2.76 -8.39 -22.86
C LEU A 146 -1.74 -9.41 -23.35
N GLU A 147 -0.59 -9.50 -22.68
CA GLU A 147 0.45 -10.45 -23.08
C GLU A 147 0.36 -11.77 -22.29
N LEU A 148 -0.51 -11.86 -21.27
CA LEU A 148 -0.47 -13.00 -20.36
C LEU A 148 -1.46 -14.10 -20.78
N ASN A 149 -1.84 -14.14 -22.05
CA ASN A 149 -3.04 -14.87 -22.48
C ASN A 149 -2.68 -16.03 -23.38
N THR A 150 -1.38 -16.26 -23.63
CA THR A 150 -0.91 -17.26 -24.57
C THR A 150 -1.27 -18.69 -24.13
N ALA A 151 -1.41 -18.95 -22.82
CA ALA A 151 -1.97 -20.21 -22.33
C ALA A 151 -1.30 -21.44 -22.94
N ILE A 152 0.01 -21.35 -23.12
CA ILE A 152 0.78 -22.41 -23.74
C ILE A 152 0.90 -23.59 -22.77
N PRO A 153 0.61 -24.84 -23.22
CA PRO A 153 0.79 -26.00 -22.34
C PRO A 153 2.25 -26.05 -21.86
N GLY A 154 2.42 -26.17 -20.54
CA GLY A 154 3.72 -26.39 -19.94
C GLY A 154 4.40 -25.07 -19.57
N ASP A 155 3.76 -23.93 -19.83
CA ASP A 155 4.36 -22.65 -19.47
C ASP A 155 3.86 -22.21 -18.10
N LYS A 156 4.78 -22.01 -17.15
CA LYS A 156 4.42 -21.65 -15.79
C LYS A 156 4.08 -20.16 -15.66
N ARG A 157 4.38 -19.36 -16.69
CA ARG A 157 4.13 -17.93 -16.61
C ARG A 157 2.63 -17.70 -16.42
N ASP A 158 2.28 -16.84 -15.46
CA ASP A 158 0.91 -16.38 -15.35
C ASP A 158 0.01 -17.61 -15.09
N THR A 159 0.50 -18.49 -14.22
CA THR A 159 -0.31 -19.61 -13.75
C THR A 159 -0.53 -19.49 -12.25
N SER A 160 -1.55 -20.22 -11.77
CA SER A 160 -1.67 -20.61 -10.38
C SER A 160 -2.18 -22.06 -10.28
N THR A 161 -2.63 -22.51 -9.09
CA THR A 161 -3.33 -23.80 -9.02
C THR A 161 -4.75 -23.53 -8.52
N PRO A 162 -5.74 -24.39 -8.85
CA PRO A 162 -7.10 -24.26 -8.31
C PRO A 162 -7.13 -24.13 -6.78
N LYS A 163 -6.32 -24.93 -6.10
CA LYS A 163 -6.26 -24.88 -4.64
C LYS A 163 -5.79 -23.51 -4.15
N ALA A 164 -4.68 -23.02 -4.70
CA ALA A 164 -4.07 -21.77 -4.23
C ALA A 164 -5.05 -20.62 -4.45
N VAL A 165 -5.72 -20.66 -5.59
CA VAL A 165 -6.69 -19.64 -5.97
C VAL A 165 -7.81 -19.65 -4.95
N ALA A 166 -8.34 -20.84 -4.64
CA ALA A 166 -9.45 -21.00 -3.72
C ALA A 166 -9.07 -20.50 -2.33
N ASN A 167 -7.88 -20.89 -1.88
CA ASN A 167 -7.36 -20.55 -0.56
C ASN A 167 -7.26 -19.03 -0.43
N SER A 168 -6.66 -18.41 -1.46
CA SER A 168 -6.43 -16.97 -1.51
C SER A 168 -7.77 -16.22 -1.46
N LEU A 169 -8.76 -16.75 -2.22
CA LEU A 169 -10.07 -16.12 -2.29
C LEU A 169 -10.75 -16.13 -0.92
N ASN A 170 -10.59 -17.25 -0.22
CA ASN A 170 -11.15 -17.44 1.10
C ASN A 170 -10.53 -16.39 2.05
N LYS A 171 -9.18 -16.35 2.07
CA LYS A 171 -8.43 -15.39 2.88
C LYS A 171 -8.86 -13.95 2.60
N LEU A 172 -9.28 -13.68 1.37
CA LEU A 172 -9.46 -12.29 0.96
C LEU A 172 -10.93 -11.87 1.08
N ALA A 173 -11.82 -12.74 0.59
CA ALA A 173 -13.25 -12.51 0.58
C ALA A 173 -13.89 -12.84 1.94
N LEU A 174 -13.28 -13.74 2.71
CA LEU A 174 -13.93 -14.16 3.97
C LEU A 174 -13.02 -13.96 5.16
N GLY A 175 -11.69 -14.05 4.98
CA GLY A 175 -10.73 -14.05 6.06
C GLY A 175 -10.44 -12.64 6.58
N ASN A 176 -9.21 -12.43 7.05
CA ASN A 176 -8.88 -11.21 7.76
C ASN A 176 -7.75 -10.42 7.12
N VAL A 177 -7.50 -10.62 5.82
CA VAL A 177 -6.47 -9.81 5.18
C VAL A 177 -6.95 -8.35 5.16
N LEU A 178 -8.28 -8.16 5.05
CA LEU A 178 -8.99 -6.89 4.95
C LEU A 178 -9.98 -6.73 6.11
N ASN A 179 -10.06 -5.50 6.65
CA ASN A 179 -10.86 -5.23 7.84
C ASN A 179 -12.33 -5.30 7.46
N ALA A 180 -13.23 -5.08 8.44
CA ALA A 180 -14.64 -5.39 8.19
C ALA A 180 -15.20 -4.52 7.06
N LYS A 181 -14.93 -3.21 7.13
CA LYS A 181 -15.45 -2.22 6.19
C LYS A 181 -14.93 -2.52 4.78
N VAL A 182 -13.59 -2.66 4.67
CA VAL A 182 -12.88 -2.84 3.42
C VAL A 182 -13.22 -4.21 2.84
N LYS A 183 -13.41 -5.22 3.68
CA LYS A 183 -13.73 -6.56 3.20
C LYS A 183 -15.11 -6.58 2.53
N ALA A 184 -16.09 -5.90 3.16
CA ALA A 184 -17.43 -5.73 2.61
C ALA A 184 -17.42 -5.05 1.24
N ILE A 185 -16.60 -4.02 1.07
CA ILE A 185 -16.49 -3.35 -0.22
C ILE A 185 -16.08 -4.38 -1.27
N TYR A 186 -15.08 -5.18 -0.91
CA TYR A 186 -14.52 -6.15 -1.83
C TYR A 186 -15.59 -7.17 -2.16
N GLN A 187 -16.37 -7.59 -1.13
CA GLN A 187 -17.49 -8.51 -1.32
C GLN A 187 -18.48 -7.96 -2.34
N ASN A 188 -18.91 -6.72 -2.16
CA ASN A 188 -19.80 -6.11 -3.14
C ASN A 188 -19.21 -6.04 -4.54
N TRP A 189 -17.93 -5.74 -4.68
CA TRP A 189 -17.34 -5.70 -6.01
C TRP A 189 -17.50 -7.05 -6.69
N LEU A 190 -17.23 -8.14 -5.94
CA LEU A 190 -17.32 -9.48 -6.49
C LEU A 190 -18.78 -9.80 -6.87
N LYS A 191 -19.73 -9.46 -6.00
CA LYS A 191 -21.16 -9.62 -6.24
C LYS A 191 -21.59 -8.94 -7.55
N GLY A 192 -20.94 -7.84 -7.92
CA GLY A 192 -21.39 -7.08 -9.08
C GLY A 192 -20.69 -7.48 -10.38
N ASN A 193 -19.96 -8.62 -10.37
CA ASN A 193 -19.26 -9.08 -11.55
C ASN A 193 -20.29 -9.29 -12.67
N THR A 194 -19.97 -8.84 -13.91
CA THR A 194 -20.93 -8.87 -14.99
C THR A 194 -20.53 -9.93 -16.03
N THR A 195 -19.39 -10.60 -15.84
CA THR A 195 -18.90 -11.43 -16.92
C THR A 195 -19.07 -12.92 -16.61
N GLY A 196 -19.80 -13.24 -15.53
CA GLY A 196 -19.83 -14.61 -15.03
C GLY A 196 -21.19 -15.31 -15.10
N ASP A 197 -22.15 -14.79 -15.87
CA ASP A 197 -23.51 -15.34 -15.86
C ASP A 197 -23.58 -16.80 -16.32
N ALA A 198 -22.64 -17.25 -17.17
CA ALA A 198 -22.77 -18.58 -17.74
C ALA A 198 -21.83 -19.57 -17.04
N ARG A 199 -21.11 -19.07 -16.03
CA ARG A 199 -20.11 -19.94 -15.41
C ARG A 199 -20.68 -20.49 -14.09
N ILE A 200 -20.00 -20.17 -12.97
CA ILE A 200 -20.37 -20.65 -11.64
C ILE A 200 -21.76 -20.14 -11.23
N ARG A 201 -22.16 -18.95 -11.70
CA ARG A 201 -23.51 -18.47 -11.40
C ARG A 201 -24.58 -19.44 -11.90
N ALA A 202 -24.34 -20.03 -13.08
CA ALA A 202 -25.28 -20.92 -13.74
C ALA A 202 -25.30 -22.29 -13.06
N SER A 203 -24.46 -22.48 -12.04
CA SER A 203 -24.33 -23.74 -11.34
C SER A 203 -25.09 -23.78 -10.01
N VAL A 204 -25.81 -22.71 -9.65
CA VAL A 204 -26.43 -22.64 -8.33
C VAL A 204 -27.86 -22.11 -8.42
N PRO A 205 -28.72 -22.35 -7.40
CA PRO A 205 -30.07 -21.76 -7.39
C PRO A 205 -29.94 -20.24 -7.50
N ALA A 206 -30.88 -19.60 -8.21
CA ALA A 206 -30.83 -18.18 -8.54
C ALA A 206 -31.05 -17.29 -7.30
N ASP A 207 -31.46 -17.92 -6.18
CA ASP A 207 -31.61 -17.27 -4.88
C ASP A 207 -30.25 -17.05 -4.22
N TRP A 208 -29.25 -17.88 -4.55
CA TRP A 208 -27.93 -17.77 -3.92
C TRP A 208 -27.19 -16.55 -4.47
N VAL A 209 -26.51 -15.84 -3.58
CA VAL A 209 -25.71 -14.70 -3.97
C VAL A 209 -24.29 -15.18 -4.25
N VAL A 210 -23.75 -14.75 -5.40
CA VAL A 210 -22.42 -15.12 -5.88
C VAL A 210 -21.62 -13.84 -6.14
N GLY A 211 -20.35 -13.83 -5.69
CA GLY A 211 -19.34 -12.95 -6.24
C GLY A 211 -18.28 -13.78 -6.98
N ASP A 212 -17.77 -13.30 -8.12
CA ASP A 212 -16.83 -14.10 -8.90
C ASP A 212 -15.94 -13.18 -9.73
N LYS A 213 -14.84 -13.77 -10.25
CA LYS A 213 -14.04 -13.22 -11.33
C LYS A 213 -13.77 -14.33 -12.34
N THR A 214 -14.05 -14.06 -13.62
CA THR A 214 -13.77 -14.99 -14.71
C THR A 214 -12.41 -14.69 -15.33
N GLY A 215 -11.97 -15.58 -16.21
CA GLY A 215 -10.86 -15.35 -17.12
C GLY A 215 -11.09 -16.14 -18.41
N SER A 216 -10.79 -15.52 -19.56
CA SER A 216 -10.84 -16.22 -20.84
C SER A 216 -9.65 -15.83 -21.71
N CYS A 217 -8.69 -16.75 -21.86
CA CYS A 217 -7.44 -16.52 -22.55
C CYS A 217 -7.64 -16.35 -24.07
N GLY A 218 -8.70 -16.95 -24.62
CA GLY A 218 -8.96 -16.93 -26.05
C GLY A 218 -7.88 -17.71 -26.79
N ALA A 219 -7.25 -18.66 -26.07
CA ALA A 219 -6.27 -19.56 -26.63
C ALA A 219 -6.31 -20.89 -25.88
N TYR A 220 -6.11 -22.01 -26.60
CA TYR A 220 -6.14 -23.33 -26.01
C TYR A 220 -7.47 -23.53 -25.29
N GLY A 221 -8.49 -22.82 -25.79
CA GLY A 221 -9.82 -22.80 -25.17
C GLY A 221 -9.75 -22.72 -23.65
N THR A 222 -8.82 -21.87 -23.15
CA THR A 222 -8.55 -21.71 -21.73
C THR A 222 -9.54 -20.70 -21.13
N ALA A 223 -10.20 -21.12 -20.05
CA ALA A 223 -11.15 -20.28 -19.35
C ALA A 223 -11.28 -20.76 -17.90
N ASN A 224 -11.72 -19.85 -17.03
CA ASN A 224 -11.83 -20.17 -15.62
C ASN A 224 -12.82 -19.22 -14.95
N ASP A 225 -13.09 -19.54 -13.69
CA ASP A 225 -13.94 -18.76 -12.81
C ASP A 225 -13.63 -19.22 -11.39
N TYR A 226 -13.65 -18.27 -10.45
CA TYR A 226 -13.63 -18.56 -9.03
C TYR A 226 -14.69 -17.70 -8.36
N ALA A 227 -15.35 -18.26 -7.33
CA ALA A 227 -16.50 -17.62 -6.73
C ALA A 227 -16.49 -17.85 -5.23
N VAL A 228 -17.02 -16.85 -4.51
CA VAL A 228 -17.61 -17.01 -3.19
C VAL A 228 -19.12 -17.05 -3.38
N ILE A 229 -19.75 -18.00 -2.69
CA ILE A 229 -21.18 -18.26 -2.77
C ILE A 229 -21.79 -18.22 -1.36
N TRP A 230 -22.86 -17.42 -1.21
CA TRP A 230 -23.61 -17.29 0.02
C TRP A 230 -24.95 -17.98 -0.15
N PRO A 231 -25.11 -19.26 0.27
CA PRO A 231 -26.34 -20.02 0.06
C PRO A 231 -27.41 -19.67 1.11
N LYS A 232 -28.67 -19.95 0.80
CA LYS A 232 -29.76 -19.60 1.69
C LYS A 232 -29.55 -20.26 3.05
N ASN A 233 -29.37 -19.41 4.08
CA ASN A 233 -29.29 -19.85 5.48
C ASN A 233 -28.21 -20.95 5.62
N ARG A 234 -27.02 -20.71 5.06
CA ARG A 234 -25.91 -21.65 5.08
C ARG A 234 -24.58 -20.86 5.08
N ALA A 235 -23.50 -21.50 5.55
CA ALA A 235 -22.18 -20.91 5.54
C ALA A 235 -21.63 -20.80 4.11
N PRO A 236 -20.78 -19.78 3.82
CA PRO A 236 -20.17 -19.61 2.49
C PRO A 236 -19.46 -20.82 1.87
N LEU A 237 -19.49 -20.91 0.53
CA LEU A 237 -18.68 -21.84 -0.21
C LEU A 237 -17.68 -21.03 -1.03
N ILE A 238 -16.54 -21.65 -1.35
CA ILE A 238 -15.58 -21.14 -2.30
C ILE A 238 -15.48 -22.19 -3.39
N VAL A 239 -15.58 -21.75 -4.65
CA VAL A 239 -15.45 -22.65 -5.78
C VAL A 239 -14.47 -22.03 -6.77
N SER A 240 -13.49 -22.85 -7.18
CA SER A 240 -12.42 -22.50 -8.07
C SER A 240 -12.39 -23.53 -9.21
N ILE A 241 -12.60 -23.08 -10.45
CA ILE A 241 -12.60 -23.92 -11.64
C ILE A 241 -11.73 -23.29 -12.75
N TYR A 242 -10.76 -24.09 -13.24
CA TYR A 242 -9.85 -23.72 -14.32
C TYR A 242 -9.82 -24.82 -15.37
N THR A 243 -9.87 -24.42 -16.65
CA THR A 243 -9.91 -25.33 -17.79
C THR A 243 -8.92 -24.89 -18.88
N THR A 244 -8.28 -25.87 -19.51
CA THR A 244 -7.54 -25.67 -20.75
C THR A 244 -7.94 -26.77 -21.73
N ARG A 245 -7.62 -26.62 -23.02
CA ARG A 245 -7.86 -27.63 -24.03
C ARG A 245 -6.57 -27.92 -24.81
N LYS A 246 -6.53 -29.08 -25.49
CA LYS A 246 -5.34 -29.64 -26.15
C LYS A 246 -4.82 -28.83 -27.35
N SER A 247 -5.72 -28.18 -28.12
CA SER A 247 -5.35 -27.54 -29.39
C SER A 247 -5.48 -26.02 -29.28
N LYS A 248 -4.51 -25.32 -29.86
CA LYS A 248 -4.42 -23.88 -29.78
C LYS A 248 -5.77 -23.25 -30.15
N ASP A 249 -6.46 -23.83 -31.16
CA ASP A 249 -7.60 -23.18 -31.79
C ASP A 249 -8.90 -23.41 -31.01
N ASP A 250 -8.85 -24.29 -29.99
CA ASP A 250 -10.06 -24.70 -29.30
C ASP A 250 -10.70 -23.51 -28.59
N LYS A 251 -12.01 -23.53 -28.51
CA LYS A 251 -12.73 -22.46 -27.85
C LYS A 251 -13.06 -22.88 -26.43
N HIS A 252 -13.19 -21.92 -25.53
CA HIS A 252 -13.43 -22.25 -24.15
C HIS A 252 -14.88 -22.73 -24.05
N SER A 253 -15.28 -23.28 -22.90
CA SER A 253 -16.57 -23.93 -22.80
C SER A 253 -17.24 -23.54 -21.48
N ASP A 254 -18.10 -22.53 -21.52
CA ASP A 254 -18.85 -22.06 -20.35
C ASP A 254 -19.55 -23.25 -19.67
N LYS A 255 -20.08 -24.12 -20.51
CA LYS A 255 -20.91 -25.21 -20.06
C LYS A 255 -20.10 -26.20 -19.22
N THR A 256 -18.85 -26.41 -19.64
CA THR A 256 -18.01 -27.33 -18.92
C THR A 256 -17.75 -26.72 -17.55
N ILE A 257 -17.58 -25.39 -17.55
CA ILE A 257 -17.20 -24.74 -16.31
C ILE A 257 -18.36 -24.82 -15.33
N ALA A 258 -19.56 -24.52 -15.81
CA ALA A 258 -20.79 -24.61 -15.03
C ALA A 258 -20.97 -26.02 -14.51
N GLU A 259 -20.65 -27.02 -15.34
CA GLU A 259 -20.91 -28.40 -14.94
C GLU A 259 -19.88 -28.86 -13.90
N ALA A 260 -18.61 -28.56 -14.11
CA ALA A 260 -17.62 -28.90 -13.10
C ALA A 260 -17.95 -28.23 -11.75
N SER A 261 -18.53 -27.03 -11.81
CA SER A 261 -18.99 -26.33 -10.61
C SER A 261 -20.10 -27.12 -9.91
N ARG A 262 -21.13 -27.51 -10.67
CA ARG A 262 -22.20 -28.33 -10.09
C ARG A 262 -21.58 -29.51 -9.35
N ILE A 263 -20.72 -30.26 -10.05
CA ILE A 263 -20.11 -31.49 -9.51
C ILE A 263 -19.37 -31.17 -8.21
N ALA A 264 -18.66 -30.04 -8.20
CA ALA A 264 -17.83 -29.63 -7.09
C ALA A 264 -18.66 -29.26 -5.86
N ILE A 265 -19.72 -28.50 -6.08
CA ILE A 265 -20.63 -28.10 -5.01
C ILE A 265 -21.26 -29.36 -4.39
N GLN A 266 -21.69 -30.32 -5.21
CA GLN A 266 -22.28 -31.54 -4.66
C GLN A 266 -21.27 -32.29 -3.80
N ALA A 267 -20.03 -32.38 -4.30
CA ALA A 267 -18.96 -33.14 -3.66
C ALA A 267 -18.74 -32.70 -2.20
N ILE A 268 -18.98 -31.43 -1.88
CA ILE A 268 -18.67 -30.87 -0.56
C ILE A 268 -19.96 -30.67 0.25
N ASP A 269 -21.08 -31.08 -0.33
CA ASP A 269 -22.40 -30.70 0.16
C ASP A 269 -22.74 -31.48 1.45
N ASN B 3 -15.31 4.47 21.41
CA ASN B 3 -14.81 5.07 22.68
C ASN B 3 -13.31 5.32 22.56
N LYS B 4 -12.64 4.46 21.79
CA LYS B 4 -11.18 4.43 21.69
C LYS B 4 -10.68 5.83 21.44
N SER B 5 -11.16 6.43 20.35
CA SER B 5 -10.82 7.78 19.92
C SER B 5 -11.03 8.84 21.02
N ASP B 6 -12.24 8.90 21.59
CA ASP B 6 -12.69 9.92 22.53
C ASP B 6 -11.88 9.94 23.82
N ALA B 7 -11.42 8.75 24.25
CA ALA B 7 -10.63 8.64 25.48
C ALA B 7 -9.21 9.14 25.23
N ALA B 8 -8.59 8.75 24.10
CA ALA B 8 -7.23 9.18 23.80
C ALA B 8 -7.18 10.69 23.66
N ALA B 9 -8.23 11.24 23.05
CA ALA B 9 -8.34 12.68 22.84
C ALA B 9 -8.39 13.38 24.19
N LYS B 10 -9.21 12.88 25.13
CA LYS B 10 -9.32 13.51 26.44
C LYS B 10 -7.95 13.59 27.09
N GLN B 11 -7.18 12.50 26.96
CA GLN B 11 -5.88 12.33 27.61
C GLN B 11 -4.83 13.27 27.00
N ILE B 12 -4.87 13.44 25.67
CA ILE B 12 -4.01 14.42 25.02
C ILE B 12 -4.35 15.82 25.57
N LYS B 13 -5.65 16.14 25.60
CA LYS B 13 -6.17 17.45 25.95
C LYS B 13 -5.71 17.82 27.35
N LYS B 14 -5.69 16.84 28.27
CA LYS B 14 -5.23 17.10 29.61
C LYS B 14 -3.71 17.29 29.60
N LEU B 15 -3.03 16.56 28.71
CA LEU B 15 -1.58 16.60 28.64
C LEU B 15 -1.15 17.96 28.13
N GLU B 16 -2.04 18.63 27.40
CA GLU B 16 -1.68 19.90 26.79
C GLU B 16 -1.96 20.99 27.82
N GLU B 17 -3.03 20.83 28.58
CA GLU B 17 -3.28 21.75 29.68
C GLU B 17 -2.10 21.69 30.67
N ASP B 18 -1.60 20.48 30.89
CA ASP B 18 -0.56 20.21 31.86
C ASP B 18 0.73 20.96 31.51
N PHE B 19 0.99 21.24 30.24
CA PHE B 19 2.22 21.97 29.96
C PHE B 19 1.92 23.34 29.34
N ASP B 20 0.65 23.69 29.25
CA ASP B 20 0.33 25.03 28.80
C ASP B 20 0.84 25.21 27.38
N GLY B 21 0.36 24.36 26.48
CA GLY B 21 0.79 24.39 25.09
C GLY B 21 -0.22 23.71 24.18
N ARG B 22 0.22 23.38 22.96
CA ARG B 22 -0.64 22.85 21.92
C ARG B 22 -0.07 21.54 21.41
N ILE B 23 -0.87 20.45 21.42
CA ILE B 23 -0.38 19.15 20.98
C ILE B 23 -1.16 18.67 19.76
N GLY B 24 -0.43 18.27 18.71
CA GLY B 24 -0.99 17.76 17.47
C GLY B 24 -0.49 16.35 17.15
N VAL B 25 -1.43 15.44 16.87
CA VAL B 25 -1.11 14.02 16.76
C VAL B 25 -1.83 13.43 15.54
N PHE B 26 -1.12 12.56 14.82
CA PHE B 26 -1.78 11.59 13.95
C PHE B 26 -0.99 10.27 13.96
N ALA B 27 -1.74 9.17 14.08
CA ALA B 27 -1.19 7.82 14.11
C ALA B 27 -1.99 6.89 13.20
N ILE B 28 -1.29 5.92 12.60
CA ILE B 28 -1.85 4.95 11.68
C ILE B 28 -1.33 3.57 12.06
N ASP B 29 -2.26 2.63 12.21
CA ASP B 29 -1.91 1.23 12.18
C ASP B 29 -2.03 0.78 10.72
N THR B 30 -0.88 0.58 10.05
CA THR B 30 -0.88 0.28 8.62
C THR B 30 -1.46 -1.11 8.38
N GLY B 31 -1.62 -1.90 9.46
CA GLY B 31 -2.13 -3.24 9.39
C GLY B 31 -3.64 -3.25 9.25
N SER B 32 -4.33 -2.56 10.16
CA SER B 32 -5.79 -2.57 10.24
C SER B 32 -6.38 -1.29 9.65
N GLY B 33 -5.56 -0.25 9.50
CA GLY B 33 -6.02 0.98 8.88
C GLY B 33 -6.62 1.94 9.90
N ASN B 34 -6.72 1.50 11.18
CA ASN B 34 -7.13 2.37 12.26
C ASN B 34 -6.20 3.59 12.37
N THR B 35 -6.82 4.74 12.64
CA THR B 35 -6.10 6.00 12.71
C THR B 35 -6.56 6.71 13.99
N PHE B 36 -5.72 7.58 14.52
CA PHE B 36 -6.13 8.44 15.60
C PHE B 36 -5.56 9.83 15.33
N GLY B 37 -6.40 10.85 15.41
CA GLY B 37 -5.97 12.22 15.17
C GLY B 37 -6.32 13.09 16.37
N TYR B 38 -5.42 14.02 16.73
CA TYR B 38 -5.80 15.06 17.67
C TYR B 38 -5.20 16.35 17.15
N ARG B 39 -6.07 17.31 16.80
CA ARG B 39 -5.67 18.57 16.21
C ARG B 39 -4.88 18.29 14.93
N SER B 40 -5.23 17.22 14.23
CA SER B 40 -4.39 16.73 13.15
C SER B 40 -4.46 17.63 11.92
N ASP B 41 -5.43 18.56 11.88
CA ASP B 41 -5.52 19.48 10.76
C ASP B 41 -4.97 20.87 11.06
N GLU B 42 -4.58 21.14 12.31
CA GLU B 42 -4.05 22.45 12.59
C GLU B 42 -2.60 22.53 12.11
N ARG B 43 -2.08 23.74 11.95
CA ARG B 43 -0.72 23.89 11.44
C ARG B 43 0.26 23.94 12.60
N PHE B 44 1.48 23.43 12.37
CA PHE B 44 2.56 23.43 13.35
C PHE B 44 3.86 23.75 12.60
N PRO B 45 4.85 24.46 13.21
CA PRO B 45 6.16 24.66 12.59
C PRO B 45 6.84 23.32 12.33
N LEU B 46 7.49 23.21 11.16
CA LEU B 46 8.23 22.00 10.84
C LEU B 46 9.50 21.86 11.69
N CYS B 47 10.15 22.99 11.99
CA CYS B 47 11.51 22.98 12.48
C CYS B 47 12.38 22.11 11.57
N SER B 48 13.31 21.37 12.16
CA SER B 48 14.20 20.56 11.35
C SER B 48 13.49 19.33 10.79
N SER B 49 12.21 19.14 11.08
CA SER B 49 11.63 17.82 10.77
C SER B 49 11.51 17.58 9.27
N PHE B 50 11.52 18.63 8.48
CA PHE B 50 11.35 18.49 7.04
C PHE B 50 12.61 17.88 6.43
N LYS B 51 13.72 17.87 7.18
CA LYS B 51 14.97 17.27 6.72
C LYS B 51 14.83 15.77 6.46
N GLY B 52 13.91 15.11 7.17
CA GLY B 52 13.55 13.73 6.89
C GLY B 52 12.96 13.58 5.47
N PHE B 53 12.31 14.62 4.95
CA PHE B 53 11.76 14.50 3.61
C PHE B 53 12.73 15.05 2.58
N LEU B 54 13.53 16.05 2.97
CA LEU B 54 14.64 16.47 2.13
C LEU B 54 15.45 15.24 1.70
N ALA B 55 15.84 14.39 2.66
CA ALA B 55 16.57 13.16 2.38
C ALA B 55 15.82 12.27 1.38
N ALA B 56 14.49 12.22 1.48
CA ALA B 56 13.70 11.40 0.56
C ALA B 56 13.76 12.00 -0.83
N ALA B 57 13.68 13.34 -0.92
CA ALA B 57 13.80 14.05 -2.18
C ALA B 57 15.15 13.78 -2.83
N VAL B 58 16.25 13.86 -2.06
CA VAL B 58 17.55 13.40 -2.55
C VAL B 58 17.45 12.03 -3.22
N LEU B 59 16.88 11.05 -2.51
CA LEU B 59 16.91 9.68 -2.99
C LEU B 59 16.04 9.50 -4.23
N GLU B 60 15.02 10.36 -4.40
CA GLU B 60 14.18 10.35 -5.57
C GLU B 60 14.99 10.73 -6.81
N ARG B 61 15.79 11.80 -6.67
CA ARG B 61 16.66 12.29 -7.73
C ARG B 61 17.70 11.22 -8.07
N VAL B 62 18.19 10.49 -7.04
CA VAL B 62 19.13 9.40 -7.22
C VAL B 62 18.50 8.31 -8.08
N GLN B 63 17.27 7.92 -7.71
CA GLN B 63 16.52 6.89 -8.39
C GLN B 63 16.22 7.30 -9.83
N GLN B 64 15.97 8.59 -10.08
CA GLN B 64 15.72 9.07 -11.44
C GLN B 64 17.02 9.30 -12.19
N LYS B 65 18.16 9.11 -11.51
CA LYS B 65 19.47 9.18 -12.13
C LYS B 65 19.81 10.60 -12.54
N LYS B 66 19.09 11.57 -11.95
CA LYS B 66 19.48 12.96 -12.05
C LYS B 66 20.70 13.22 -11.15
N LEU B 67 20.92 12.34 -10.17
CA LEU B 67 22.02 12.50 -9.22
C LEU B 67 22.64 11.13 -8.94
N ASP B 68 23.93 11.14 -8.60
CA ASP B 68 24.66 9.96 -8.18
C ASP B 68 24.89 10.03 -6.66
N ILE B 69 24.64 8.91 -5.96
CA ILE B 69 24.62 8.96 -4.51
C ILE B 69 26.04 9.08 -3.96
N ASN B 70 27.05 8.85 -4.81
CA ASN B 70 28.45 8.86 -4.39
C ASN B 70 29.18 10.11 -4.87
N GLN B 71 28.50 10.96 -5.65
CA GLN B 71 29.16 12.16 -6.16
C GLN B 71 29.70 13.00 -4.98
N LYS B 72 30.91 13.53 -5.14
CA LYS B 72 31.57 14.32 -4.11
C LYS B 72 30.86 15.65 -4.04
N VAL B 73 30.73 16.17 -2.81
CA VAL B 73 30.18 17.49 -2.58
C VAL B 73 31.18 18.29 -1.75
N LYS B 74 31.95 19.13 -2.46
CA LYS B 74 33.01 19.98 -1.93
C LYS B 74 32.40 21.31 -1.44
N TYR B 75 32.80 21.75 -0.24
CA TYR B 75 32.19 22.97 0.28
C TYR B 75 33.20 23.70 1.15
N GLU B 76 34.47 23.68 0.75
CA GLU B 76 35.55 23.94 1.69
C GLU B 76 35.66 25.42 2.02
N SER B 77 35.00 26.29 1.23
CA SER B 77 35.04 27.73 1.46
C SER B 77 33.81 28.21 2.23
N ARG B 78 32.84 27.32 2.45
CA ARG B 78 31.56 27.73 3.01
C ARG B 78 31.73 28.16 4.46
N ASP B 79 31.05 29.24 4.87
CA ASP B 79 30.89 29.51 6.29
C ASP B 79 29.75 28.66 6.82
N LEU B 80 30.10 27.54 7.47
CA LEU B 80 29.17 26.53 7.93
C LEU B 80 28.20 27.09 8.96
N GLU B 81 26.92 26.88 8.66
CA GLU B 81 25.79 27.17 9.54
C GLU B 81 26.04 26.59 10.92
N TYR B 82 25.56 27.29 11.95
CA TYR B 82 25.39 26.69 13.28
C TYR B 82 24.68 25.35 13.19
N HIS B 83 25.05 24.45 14.12
CA HIS B 83 24.61 23.06 14.22
C HIS B 83 24.85 22.32 12.90
N SER B 84 26.13 22.26 12.51
CA SER B 84 26.56 21.42 11.41
C SER B 84 27.62 20.44 11.93
N PRO B 85 27.28 19.51 12.85
CA PRO B 85 28.28 18.66 13.49
C PRO B 85 28.97 17.68 12.55
N ILE B 86 28.28 17.22 11.50
CA ILE B 86 28.90 16.29 10.56
C ILE B 86 29.66 17.04 9.46
N THR B 87 29.03 18.04 8.83
CA THR B 87 29.70 18.66 7.70
C THR B 87 30.96 19.37 8.20
N THR B 88 30.95 19.84 9.46
CA THR B 88 32.15 20.43 10.05
C THR B 88 33.33 19.45 9.99
N LYS B 89 33.14 18.17 10.33
CA LYS B 89 34.27 17.26 10.41
C LYS B 89 34.90 17.05 9.03
N TYR B 90 34.13 17.23 7.94
CA TYR B 90 34.55 16.85 6.59
C TYR B 90 34.76 18.06 5.69
N LYS B 91 34.78 19.27 6.27
CA LYS B 91 34.89 20.47 5.46
C LYS B 91 36.06 20.36 4.47
N GLY B 92 37.20 19.81 4.93
CA GLY B 92 38.43 19.73 4.15
C GLY B 92 38.34 18.74 2.98
N SER B 93 37.54 17.69 3.11
CA SER B 93 37.58 16.60 2.14
C SER B 93 36.29 16.49 1.32
N GLY B 94 35.21 17.15 1.74
CA GLY B 94 33.92 16.98 1.10
C GLY B 94 33.26 15.68 1.53
N MET B 95 32.02 15.43 1.09
CA MET B 95 31.26 14.23 1.43
C MET B 95 30.51 13.73 0.20
N THR B 96 30.13 12.45 0.20
CA THR B 96 29.23 11.92 -0.82
C THR B 96 27.85 12.49 -0.59
N LEU B 97 27.15 12.76 -1.70
CA LEU B 97 25.76 13.16 -1.72
C LEU B 97 24.97 12.40 -0.66
N GLY B 98 25.14 11.06 -0.63
CA GLY B 98 24.41 10.18 0.28
C GLY B 98 24.74 10.44 1.74
N ASP B 99 26.02 10.54 2.07
CA ASP B 99 26.44 10.85 3.42
C ASP B 99 25.89 12.22 3.84
N MET B 100 25.83 13.14 2.87
CA MET B 100 25.36 14.47 3.21
C MET B 100 23.86 14.41 3.50
N ALA B 101 23.11 13.61 2.73
CA ALA B 101 21.67 13.58 2.95
C ALA B 101 21.36 12.91 4.28
N SER B 102 22.09 11.83 4.60
CA SER B 102 21.80 11.12 5.84
C SER B 102 22.24 11.95 7.04
N ALA B 103 23.29 12.76 6.88
CA ALA B 103 23.72 13.63 7.95
C ALA B 103 22.68 14.73 8.17
N ALA B 104 22.06 15.22 7.09
CA ALA B 104 20.94 16.14 7.28
C ALA B 104 19.88 15.49 8.19
N LEU B 105 19.52 14.23 7.86
CA LEU B 105 18.44 13.52 8.53
C LEU B 105 18.85 13.12 9.95
N GLN B 106 19.99 12.41 10.08
CA GLN B 106 20.32 11.66 11.27
C GLN B 106 20.92 12.55 12.35
N TYR B 107 21.36 13.77 11.98
CA TYR B 107 22.03 14.63 12.94
C TYR B 107 21.44 16.03 12.91
N SER B 108 20.54 16.26 11.94
CA SER B 108 19.89 17.54 11.78
C SER B 108 20.94 18.61 11.41
N ASP B 109 21.90 18.23 10.54
CA ASP B 109 23.00 19.06 10.09
C ASP B 109 22.49 20.20 9.21
N ASN B 110 22.60 21.45 9.69
CA ASN B 110 22.12 22.61 8.95
C ASN B 110 22.96 22.81 7.67
N GLY B 111 24.28 22.62 7.78
CA GLY B 111 25.19 22.70 6.65
C GLY B 111 24.79 21.77 5.51
N ALA B 112 24.62 20.48 5.83
CA ALA B 112 24.18 19.46 4.89
C ALA B 112 22.86 19.89 4.27
N THR B 113 21.92 20.27 5.12
CA THR B 113 20.63 20.72 4.66
C THR B 113 20.76 21.82 3.62
N ASN B 114 21.43 22.94 3.96
CA ASN B 114 21.33 24.15 3.16
C ASN B 114 22.07 23.95 1.84
N ILE B 115 23.16 23.17 1.91
CA ILE B 115 23.92 22.90 0.71
C ILE B 115 23.05 22.10 -0.27
N ILE B 116 22.41 21.05 0.25
CA ILE B 116 21.63 20.16 -0.59
C ILE B 116 20.56 21.00 -1.30
N MET B 117 19.89 21.90 -0.55
CA MET B 117 18.76 22.64 -1.11
C MET B 117 19.24 23.72 -2.08
N GLU B 118 20.47 24.20 -1.85
CA GLU B 118 21.08 25.16 -2.76
C GLU B 118 21.21 24.53 -4.15
N ARG B 119 21.84 23.36 -4.22
CA ARG B 119 22.48 22.98 -5.48
C ARG B 119 21.67 21.92 -6.21
N PHE B 120 20.83 21.17 -5.47
CA PHE B 120 20.23 19.93 -5.93
C PHE B 120 18.71 20.03 -5.91
N LEU B 121 18.12 20.82 -5.00
CA LEU B 121 16.68 20.70 -4.82
C LEU B 121 15.87 21.97 -5.17
N GLY B 122 16.52 23.05 -5.59
CA GLY B 122 15.77 24.25 -5.95
C GLY B 122 15.16 24.93 -4.71
N GLY B 123 15.92 24.98 -3.60
CA GLY B 123 15.59 25.85 -2.50
C GLY B 123 14.41 25.32 -1.69
N PRO B 124 13.93 26.07 -0.68
CA PRO B 124 12.60 25.82 -0.09
C PRO B 124 11.43 25.56 -1.05
N GLU B 125 11.32 26.33 -2.15
CA GLU B 125 10.17 26.19 -3.04
C GLU B 125 10.21 24.83 -3.75
N GLY B 126 11.42 24.42 -4.14
CA GLY B 126 11.69 23.09 -4.69
C GLY B 126 11.33 22.00 -3.71
N MET B 127 11.60 22.23 -2.40
CA MET B 127 11.27 21.26 -1.37
C MET B 127 9.75 21.11 -1.31
N THR B 128 9.04 22.24 -1.38
CA THR B 128 7.60 22.27 -1.42
C THR B 128 7.10 21.51 -2.64
N LYS B 129 7.75 21.73 -3.80
CA LYS B 129 7.28 21.10 -5.03
C LYS B 129 7.36 19.58 -4.88
N PHE B 130 8.40 19.12 -4.20
CA PHE B 130 8.64 17.70 -4.06
C PHE B 130 7.46 17.08 -3.31
N MET B 131 7.08 17.71 -2.17
CA MET B 131 5.97 17.23 -1.36
C MET B 131 4.63 17.32 -2.09
N ARG B 132 4.45 18.33 -2.96
CA ARG B 132 3.27 18.45 -3.81
C ARG B 132 3.13 17.23 -4.70
N SER B 133 4.26 16.78 -5.26
CA SER B 133 4.33 15.70 -6.24
C SER B 133 4.01 14.33 -5.64
N ILE B 134 4.06 14.21 -4.30
CA ILE B 134 3.69 12.95 -3.67
C ILE B 134 2.27 13.09 -3.11
N GLY B 135 1.64 14.25 -3.37
CA GLY B 135 0.25 14.47 -3.02
C GLY B 135 0.06 15.10 -1.64
N ASP B 136 1.10 15.73 -1.10
CA ASP B 136 1.00 16.48 0.16
C ASP B 136 0.78 17.96 -0.13
N ASN B 137 -0.40 18.46 0.25
CA ASN B 137 -0.81 19.83 -0.04
C ASN B 137 -0.68 20.72 1.18
N GLU B 138 -0.23 20.20 2.32
CA GLU B 138 -0.21 21.03 3.52
C GLU B 138 1.19 21.58 3.77
N PHE B 139 2.18 20.70 3.61
CA PHE B 139 3.60 21.05 3.66
C PHE B 139 3.88 22.33 2.88
N ARG B 140 4.67 23.22 3.51
CA ARG B 140 5.24 24.37 2.82
C ARG B 140 6.55 24.77 3.49
N LEU B 141 7.62 24.92 2.70
CA LEU B 141 8.90 25.41 3.21
C LEU B 141 9.22 26.74 2.53
N ASP B 142 9.59 27.75 3.33
CA ASP B 142 9.66 29.11 2.87
C ASP B 142 11.08 29.64 3.09
N ARG B 143 11.73 29.16 4.18
CA ARG B 143 13.01 29.71 4.61
C ARG B 143 14.11 28.65 4.60
N TRP B 144 15.35 29.10 4.85
CA TRP B 144 16.54 28.25 4.84
C TRP B 144 16.73 27.68 6.25
N ALA B 145 17.69 26.76 6.43
CA ALA B 145 17.73 25.88 7.59
C ALA B 145 17.74 26.63 8.93
N LEU B 146 18.32 27.84 8.97
CA LEU B 146 18.47 28.50 10.27
C LEU B 146 17.39 29.53 10.51
N GLU B 147 16.70 29.96 9.44
CA GLU B 147 15.78 31.07 9.58
C GLU B 147 14.36 30.54 9.81
N LEU B 148 14.18 29.22 9.62
CA LEU B 148 12.84 28.65 9.61
C LEU B 148 12.40 28.23 11.01
N ASN B 149 13.13 28.65 12.04
CA ASN B 149 12.95 28.13 13.38
C ASN B 149 12.23 29.11 14.28
N THR B 150 11.81 30.25 13.74
CA THR B 150 11.24 31.30 14.57
C THR B 150 9.95 30.85 15.26
N ALA B 151 9.14 30.00 14.61
CA ALA B 151 7.98 29.40 15.24
C ALA B 151 7.08 30.45 15.90
N ILE B 152 6.98 31.62 15.25
CA ILE B 152 6.13 32.69 15.73
C ILE B 152 4.66 32.28 15.56
N PRO B 153 3.80 32.35 16.60
CA PRO B 153 2.42 31.86 16.48
C PRO B 153 1.76 32.74 15.43
N GLY B 154 0.99 32.13 14.51
CA GLY B 154 0.36 32.86 13.41
C GLY B 154 1.23 32.90 12.16
N ASP B 155 2.45 32.35 12.25
CA ASP B 155 3.30 32.32 11.09
C ASP B 155 3.04 31.04 10.31
N LYS B 156 2.57 31.18 9.06
CA LYS B 156 2.19 30.01 8.29
C LYS B 156 3.38 29.48 7.49
N ARG B 157 4.47 30.25 7.48
CA ARG B 157 5.65 29.86 6.73
C ARG B 157 6.27 28.64 7.41
N ASP B 158 6.71 27.67 6.61
CA ASP B 158 7.44 26.53 7.16
C ASP B 158 6.58 25.77 8.17
N THR B 159 5.33 25.48 7.79
CA THR B 159 4.46 24.67 8.62
C THR B 159 3.90 23.51 7.80
N SER B 160 3.36 22.51 8.52
CA SER B 160 2.53 21.45 7.97
C SER B 160 1.43 21.11 8.99
N THR B 161 0.70 20.01 8.76
CA THR B 161 -0.19 19.46 9.78
C THR B 161 0.32 18.07 10.18
N PRO B 162 0.05 17.61 11.41
CA PRO B 162 0.41 16.25 11.80
C PRO B 162 -0.12 15.14 10.90
N LYS B 163 -1.32 15.31 10.32
CA LYS B 163 -1.87 14.33 9.37
C LYS B 163 -1.04 14.31 8.08
N ALA B 164 -0.71 15.50 7.55
CA ALA B 164 -0.07 15.60 6.26
C ALA B 164 1.33 15.00 6.38
N VAL B 165 1.91 15.15 7.57
CA VAL B 165 3.23 14.62 7.82
C VAL B 165 3.13 13.09 7.91
N ALA B 166 2.18 12.59 8.69
CA ALA B 166 1.96 11.15 8.83
C ALA B 166 1.84 10.50 7.45
N ASN B 167 0.90 11.02 6.65
CA ASN B 167 0.60 10.53 5.31
C ASN B 167 1.90 10.47 4.52
N SER B 168 2.57 11.63 4.43
CA SER B 168 3.72 11.73 3.55
C SER B 168 4.76 10.67 3.91
N LEU B 169 4.92 10.46 5.24
CA LEU B 169 5.96 9.61 5.80
C LEU B 169 5.67 8.18 5.39
N ASN B 170 4.38 7.83 5.54
CA ASN B 170 3.84 6.56 5.09
C ASN B 170 4.15 6.38 3.60
N LYS B 171 3.82 7.39 2.76
CA LYS B 171 3.94 7.22 1.32
C LYS B 171 5.42 6.99 0.97
N LEU B 172 6.32 7.51 1.81
CA LEU B 172 7.73 7.57 1.46
C LEU B 172 8.51 6.41 2.02
N ALA B 173 8.20 6.03 3.28
CA ALA B 173 8.95 5.00 3.99
C ALA B 173 8.32 3.63 3.74
N LEU B 174 7.04 3.59 3.37
CA LEU B 174 6.34 2.32 3.19
C LEU B 174 5.75 2.21 1.78
N GLY B 175 5.19 3.31 1.27
CA GLY B 175 4.45 3.30 0.01
C GLY B 175 5.36 3.09 -1.19
N ASN B 176 4.92 3.68 -2.30
N ASN B 176 4.97 3.56 -2.37
CA ASN B 176 5.42 3.28 -3.60
CA ASN B 176 5.71 3.15 -3.56
C ASN B 176 5.98 4.51 -4.33
C ASN B 176 6.42 4.31 -4.28
N VAL B 177 6.64 5.43 -3.58
CA VAL B 177 7.34 6.60 -4.13
C VAL B 177 8.80 6.25 -4.45
N LEU B 178 9.51 5.64 -3.50
CA LEU B 178 10.86 5.16 -3.77
C LEU B 178 10.74 3.68 -4.12
N ASN B 179 11.62 3.20 -5.01
CA ASN B 179 11.67 1.81 -5.44
C ASN B 179 12.32 1.00 -4.33
N ALA B 180 12.41 -0.32 -4.54
CA ALA B 180 12.79 -1.30 -3.53
C ALA B 180 14.13 -1.01 -2.87
N LYS B 181 15.18 -0.86 -3.70
CA LYS B 181 16.55 -0.66 -3.26
C LYS B 181 16.65 0.62 -2.43
N VAL B 182 15.99 1.68 -2.91
CA VAL B 182 16.20 3.02 -2.41
C VAL B 182 15.27 3.31 -1.24
N LYS B 183 14.12 2.64 -1.24
CA LYS B 183 13.23 2.68 -0.08
C LYS B 183 14.00 2.13 1.14
N ALA B 184 14.76 1.05 0.95
CA ALA B 184 15.46 0.37 2.03
C ALA B 184 16.55 1.30 2.61
N ILE B 185 17.20 2.05 1.73
CA ILE B 185 18.24 2.97 2.17
C ILE B 185 17.59 4.09 2.97
N TYR B 186 16.44 4.58 2.51
CA TYR B 186 15.73 5.60 3.22
C TYR B 186 15.34 5.11 4.60
N GLN B 187 14.69 3.94 4.62
CA GLN B 187 14.29 3.30 5.86
C GLN B 187 15.49 3.20 6.81
N ASN B 188 16.63 2.73 6.30
CA ASN B 188 17.82 2.59 7.14
C ASN B 188 18.26 3.94 7.68
N TRP B 189 18.14 5.00 6.86
CA TRP B 189 18.54 6.32 7.31
C TRP B 189 17.66 6.77 8.48
N LEU B 190 16.35 6.54 8.35
CA LEU B 190 15.41 6.87 9.41
C LEU B 190 15.72 6.06 10.68
N LYS B 191 16.11 4.79 10.53
CA LYS B 191 16.41 3.97 11.70
C LYS B 191 17.66 4.48 12.42
N GLY B 192 18.57 5.16 11.68
CA GLY B 192 19.82 5.59 12.28
C GLY B 192 19.72 6.97 12.94
N ASN B 193 18.53 7.54 13.07
CA ASN B 193 18.43 8.88 13.64
C ASN B 193 18.97 8.86 15.08
N THR B 194 19.76 9.88 15.43
CA THR B 194 20.47 9.87 16.71
C THR B 194 19.85 10.86 17.70
N THR B 195 18.86 11.66 17.25
CA THR B 195 18.38 12.82 18.00
C THR B 195 17.02 12.54 18.62
N GLY B 196 16.51 11.29 18.53
CA GLY B 196 15.12 10.96 18.85
C GLY B 196 14.92 10.06 20.08
N ASP B 197 15.98 9.73 20.81
CA ASP B 197 15.91 8.75 21.89
C ASP B 197 14.94 9.13 23.03
N ALA B 198 14.58 10.41 23.21
CA ALA B 198 13.71 10.79 24.32
C ALA B 198 12.29 11.08 23.83
N ARG B 199 12.05 10.91 22.52
CA ARG B 199 10.75 11.24 21.97
C ARG B 199 10.00 9.94 21.71
N ILE B 200 9.71 9.63 20.43
CA ILE B 200 8.82 8.53 20.11
C ILE B 200 9.46 7.20 20.47
N ARG B 201 10.79 7.10 20.30
CA ARG B 201 11.58 5.95 20.70
C ARG B 201 11.33 5.57 22.16
N ALA B 202 11.14 6.59 23.03
CA ALA B 202 10.92 6.37 24.46
C ALA B 202 9.55 5.73 24.71
N SER B 203 8.66 5.79 23.71
CA SER B 203 7.26 5.41 23.89
C SER B 203 7.02 3.93 23.60
N VAL B 204 8.05 3.15 23.26
CA VAL B 204 7.80 1.81 22.75
C VAL B 204 8.80 0.83 23.35
N PRO B 205 8.49 -0.49 23.37
CA PRO B 205 9.45 -1.49 23.85
C PRO B 205 10.73 -1.39 23.01
N ALA B 206 11.87 -1.56 23.70
CA ALA B 206 13.19 -1.33 23.12
C ALA B 206 13.49 -2.35 22.02
N ASP B 207 12.65 -3.40 21.88
CA ASP B 207 12.89 -4.37 20.81
C ASP B 207 11.99 -4.12 19.60
N TRP B 208 11.18 -3.05 19.60
CA TRP B 208 10.56 -2.60 18.35
C TRP B 208 11.56 -1.77 17.57
N VAL B 209 11.46 -1.80 16.24
CA VAL B 209 12.43 -1.04 15.46
C VAL B 209 11.76 0.26 15.02
N VAL B 210 12.48 1.38 15.21
CA VAL B 210 11.93 2.72 15.03
C VAL B 210 12.85 3.49 14.08
N GLY B 211 12.25 4.27 13.18
CA GLY B 211 12.99 5.28 12.47
C GLY B 211 12.27 6.61 12.62
N ASP B 212 13.01 7.70 12.79
CA ASP B 212 12.34 8.97 13.05
C ASP B 212 13.14 10.16 12.49
N LYS B 213 12.47 11.31 12.43
CA LYS B 213 13.17 12.58 12.38
C LYS B 213 12.52 13.53 13.38
N THR B 214 13.35 14.20 14.20
CA THR B 214 12.87 15.17 15.18
C THR B 214 12.94 16.59 14.62
N GLY B 215 12.38 17.54 15.38
CA GLY B 215 12.62 18.96 15.19
C GLY B 215 12.49 19.71 16.52
N SER B 216 13.35 20.71 16.74
CA SER B 216 13.31 21.58 17.92
C SER B 216 13.68 23.01 17.53
N CYS B 217 12.67 23.89 17.43
CA CYS B 217 12.82 25.25 16.97
C CYS B 217 13.73 26.11 17.86
N GLY B 218 13.66 25.90 19.18
CA GLY B 218 14.43 26.68 20.13
C GLY B 218 13.66 27.93 20.55
N ALA B 219 12.34 27.93 20.27
CA ALA B 219 11.48 29.04 20.66
C ALA B 219 10.04 28.57 20.70
N TYR B 220 9.30 29.10 21.70
CA TYR B 220 7.87 28.84 21.86
C TYR B 220 7.65 27.37 22.14
N GLY B 221 8.60 26.78 22.89
CA GLY B 221 8.58 25.38 23.28
C GLY B 221 8.14 24.50 22.13
N THR B 222 8.58 24.85 20.92
CA THR B 222 8.17 24.13 19.73
C THR B 222 9.11 22.94 19.54
N ALA B 223 8.53 21.73 19.50
CA ALA B 223 9.27 20.53 19.13
C ALA B 223 8.34 19.52 18.46
N ASN B 224 8.93 18.53 17.77
CA ASN B 224 8.15 17.50 17.12
C ASN B 224 8.99 16.23 16.96
N ASP B 225 8.32 15.18 16.47
CA ASP B 225 8.92 13.91 16.09
C ASP B 225 7.91 13.21 15.19
N TYR B 226 8.40 12.37 14.27
CA TYR B 226 7.52 11.54 13.49
C TYR B 226 8.29 10.26 13.24
N ALA B 227 7.58 9.13 13.13
CA ALA B 227 8.24 7.83 13.13
C ALA B 227 7.43 6.83 12.35
N VAL B 228 8.18 5.91 11.74
CA VAL B 228 7.75 4.59 11.31
C VAL B 228 8.23 3.64 12.39
N ILE B 229 7.31 2.77 12.85
CA ILE B 229 7.56 1.84 13.94
C ILE B 229 7.18 0.44 13.46
N TRP B 230 8.17 -0.48 13.50
CA TRP B 230 7.95 -1.89 13.24
C TRP B 230 7.83 -2.67 14.55
N PRO B 231 6.61 -2.89 15.10
CA PRO B 231 6.46 -3.71 16.30
C PRO B 231 6.86 -5.12 15.91
N LYS B 232 7.19 -5.93 16.90
CA LYS B 232 7.62 -7.30 16.64
C LYS B 232 6.44 -8.13 16.15
N ASN B 233 6.61 -8.80 15.01
CA ASN B 233 5.62 -9.68 14.38
C ASN B 233 4.27 -8.95 14.23
N ARG B 234 4.29 -7.69 13.76
CA ARG B 234 3.09 -6.88 13.55
C ARG B 234 3.36 -5.92 12.40
N ALA B 235 2.29 -5.41 11.77
CA ALA B 235 2.44 -4.47 10.66
C ALA B 235 2.90 -3.10 11.19
N PRO B 236 3.61 -2.25 10.43
CA PRO B 236 4.10 -1.00 11.01
C PRO B 236 3.05 0.03 11.45
N LEU B 237 3.45 0.89 12.39
CA LEU B 237 2.70 2.08 12.77
C LEU B 237 3.44 3.30 12.23
N ILE B 238 2.68 4.36 11.97
CA ILE B 238 3.19 5.68 11.65
C ILE B 238 2.71 6.58 12.79
N VAL B 239 3.64 7.37 13.36
CA VAL B 239 3.28 8.26 14.45
C VAL B 239 3.95 9.62 14.19
N SER B 240 3.17 10.69 14.38
CA SER B 240 3.56 12.04 14.05
C SER B 240 3.05 12.95 15.15
N ILE B 241 3.98 13.57 15.91
CA ILE B 241 3.64 14.39 17.07
C ILE B 241 4.28 15.77 16.88
N TYR B 242 3.48 16.85 16.93
CA TYR B 242 3.94 18.23 16.87
C TYR B 242 3.41 18.99 18.08
N THR B 243 4.24 19.87 18.63
CA THR B 243 3.84 20.69 19.77
C THR B 243 4.30 22.14 19.57
N THR B 244 3.57 23.06 20.20
CA THR B 244 3.98 24.45 20.43
C THR B 244 3.61 24.84 21.86
N ARG B 245 4.04 26.05 22.26
CA ARG B 245 3.88 26.51 23.63
C ARG B 245 3.57 28.01 23.64
N LYS B 246 3.05 28.51 24.78
CA LYS B 246 2.41 29.83 24.85
C LYS B 246 3.42 30.98 24.73
N SER B 247 4.57 30.89 25.45
CA SER B 247 5.50 32.00 25.53
C SER B 247 6.76 31.67 24.74
N LYS B 248 7.46 32.72 24.27
CA LYS B 248 8.64 32.59 23.43
C LYS B 248 9.73 31.84 24.20
N ASP B 249 9.83 32.13 25.50
CA ASP B 249 10.92 31.67 26.34
C ASP B 249 10.67 30.27 26.87
N ASP B 250 9.47 29.74 26.62
CA ASP B 250 9.09 28.40 27.05
C ASP B 250 9.96 27.35 26.34
N LYS B 251 10.44 26.39 27.14
CA LYS B 251 11.27 25.32 26.63
C LYS B 251 10.39 24.15 26.16
N HIS B 252 10.90 23.34 25.23
CA HIS B 252 10.12 22.24 24.69
C HIS B 252 10.18 21.06 25.66
N SER B 253 9.34 20.06 25.41
CA SER B 253 9.11 18.96 26.35
C SER B 253 9.20 17.62 25.62
N ASP B 254 10.38 16.98 25.71
CA ASP B 254 10.59 15.65 25.15
C ASP B 254 9.55 14.71 25.76
N LYS B 255 9.29 14.93 27.05
CA LYS B 255 8.54 13.99 27.85
C LYS B 255 7.08 14.00 27.42
N THR B 256 6.58 15.18 27.06
CA THR B 256 5.24 15.35 26.52
C THR B 256 5.13 14.66 25.16
N ILE B 257 6.19 14.74 24.35
CA ILE B 257 6.14 14.10 23.06
C ILE B 257 6.08 12.58 23.27
N ALA B 258 6.93 12.07 24.18
CA ALA B 258 6.94 10.65 24.51
C ALA B 258 5.56 10.22 25.00
N GLU B 259 4.91 11.09 25.79
CA GLU B 259 3.63 10.73 26.42
C GLU B 259 2.48 10.79 25.42
N ALA B 260 2.48 11.79 24.54
CA ALA B 260 1.48 11.86 23.47
C ALA B 260 1.62 10.64 22.56
N SER B 261 2.86 10.24 22.28
CA SER B 261 3.08 9.07 21.44
C SER B 261 2.45 7.83 22.08
N ARG B 262 2.76 7.61 23.36
CA ARG B 262 2.19 6.53 24.16
C ARG B 262 0.66 6.50 24.01
N ILE B 263 -0.01 7.63 24.22
CA ILE B 263 -1.47 7.71 24.12
C ILE B 263 -1.91 7.39 22.69
N ALA B 264 -1.18 7.89 21.71
CA ALA B 264 -1.63 7.69 20.33
C ALA B 264 -1.48 6.23 19.94
N ILE B 265 -0.36 5.60 20.33
CA ILE B 265 -0.11 4.20 20.05
C ILE B 265 -1.23 3.31 20.64
N GLN B 266 -1.65 3.59 21.88
CA GLN B 266 -2.73 2.83 22.50
C GLN B 266 -4.06 3.03 21.76
N ALA B 267 -4.29 4.26 21.27
CA ALA B 267 -5.52 4.64 20.61
C ALA B 267 -5.75 3.85 19.31
N ILE B 268 -4.68 3.40 18.62
CA ILE B 268 -4.81 2.66 17.36
C ILE B 268 -4.54 1.17 17.58
N ASP B 269 -4.42 0.75 18.85
CA ASP B 269 -4.09 -0.65 19.15
C ASP B 269 -5.25 -1.58 18.81
#